data_6R3R
#
_entry.id   6R3R
#
_cell.length_a   77.657
_cell.length_b   110.607
_cell.length_c   171.244
_cell.angle_alpha   90.000
_cell.angle_beta   90.000
_cell.angle_gamma   90.000
#
_symmetry.space_group_name_H-M   'I 2 2 2'
#
loop_
_entity.id
_entity.type
_entity.pdbx_description
1 polymer 'Glycoside hydrolase family 32'
2 non-polymer 'ZINC ION'
3 non-polymer 'CHLORIDE ION'
4 non-polymer '2-(N-MORPHOLINO)-ETHANESULFONIC ACID'
5 non-polymer GLYCEROL
6 water water
#
_entity_poly.entity_id   1
_entity_poly.type   'polypeptide(L)'
_entity_poly.pdbx_seq_one_letter_code
;MDETDPILTQKNWDGTATYFQSSDEHGFSMYYKPQVGFVGDPMPFYDPVAKDFKVMYLQDYRPNPEATYHPIFGVATKDG
ATYESLGELISCGGRDEQDAAIGTGGTIYNPADKLYYTFYTGNKFKPSSDQNAQVVMVATSPDFKTWTKNRTFYLKGDTY
GYDKNDFRDPFLFQTEDGVYHMLIATRKNGKGHIAEFTSADLKEWESAGTFMTMMWDRFYECPDVFKMGDWWYLIYSEQA
SFMRKVQYFKGRTLEDLKATTANDAGIWPDNREGMLDSRAFYAGKTASDGTNRYIWGWCPTRAGNDNGNVGDVEPEWAGN
LVAQRLIQHEDGTLTLGVPDAIDRKYTSAQEVKVMAKDGNMIESGKTYTLGEGASVIFNRLKVHNKISFTVKTASNTDRF
GISFVRGTDSASWYSIHVNADEGKANFEKDGDDAKYLFDNKFNIPADNEYRVTIYSDQSVCVTYINDQLSFTNRIYQMQK
NPWSLCCYKGEITVSDVQVSTYHHHHHH
;
_entity_poly.pdbx_strand_id   A
#
# COMPACT_ATOMS: atom_id res chain seq x y z
N GLY A 15 -27.12 16.30 12.73
CA GLY A 15 -27.72 17.23 13.67
C GLY A 15 -26.76 17.63 14.78
N THR A 16 -26.03 16.64 15.29
CA THR A 16 -25.02 16.83 16.31
C THR A 16 -23.63 16.84 15.67
N ALA A 17 -22.68 17.48 16.35
CA ALA A 17 -21.28 17.43 15.95
C ALA A 17 -20.37 17.03 17.11
N THR A 18 -20.92 16.36 18.12
CA THR A 18 -20.10 15.83 19.19
C THR A 18 -19.44 14.52 18.74
N TYR A 19 -18.37 14.17 19.44
CA TYR A 19 -17.64 12.93 19.15
C TYR A 19 -18.49 11.72 19.49
N PHE A 20 -18.48 10.73 18.61
CA PHE A 20 -19.19 9.48 18.80
C PHE A 20 -18.20 8.31 18.69
N GLN A 21 -18.34 7.33 19.58
CA GLN A 21 -17.41 6.20 19.62
C GLN A 21 -17.86 5.14 18.62
N SER A 22 -17.48 5.35 17.37
CA SER A 22 -17.73 4.42 16.28
C SER A 22 -16.76 3.23 16.39
N SER A 23 -17.03 2.20 15.58
CA SER A 23 -16.18 1.01 15.56
C SER A 23 -16.18 0.42 14.16
N ASP A 24 -15.30 -0.57 13.96
CA ASP A 24 -15.13 -1.24 12.68
C ASP A 24 -15.98 -2.50 12.54
N GLU A 25 -16.88 -2.79 13.48
CA GLU A 25 -17.61 -4.05 13.40
C GLU A 25 -18.65 -4.03 12.29
N HIS A 26 -19.15 -2.85 11.91
CA HIS A 26 -20.11 -2.74 10.81
C HIS A 26 -19.60 -3.48 9.57
N GLY A 27 -18.33 -3.31 9.23
CA GLY A 27 -17.75 -4.07 8.14
C GLY A 27 -17.08 -3.24 7.06
N PHE A 28 -16.00 -3.77 6.49
CA PHE A 28 -15.31 -3.13 5.38
C PHE A 28 -15.92 -3.59 4.06
N SER A 29 -15.52 -2.92 2.98
CA SER A 29 -16.02 -3.22 1.64
C SER A 29 -14.87 -3.14 0.64
N MET A 30 -14.46 -1.93 0.27
CA MET A 30 -13.45 -1.75 -0.76
C MET A 30 -12.03 -1.94 -0.23
N TYR A 31 -11.78 -1.65 1.04
CA TYR A 31 -10.46 -1.87 1.65
C TYR A 31 -10.61 -3.13 2.51
N TYR A 32 -10.37 -4.28 1.88
CA TYR A 32 -10.85 -5.56 2.35
C TYR A 32 -10.12 -6.03 3.60
N LYS A 33 -10.87 -6.74 4.46
CA LYS A 33 -10.36 -7.48 5.60
C LYS A 33 -11.12 -8.79 5.68
N PRO A 34 -10.45 -9.91 5.93
CA PRO A 34 -11.17 -11.17 6.12
C PRO A 34 -12.01 -11.13 7.39
N GLN A 35 -12.97 -12.06 7.48
CA GLN A 35 -13.84 -12.08 8.65
C GLN A 35 -13.04 -12.25 9.93
N VAL A 36 -12.07 -13.14 9.92
CA VAL A 36 -11.15 -13.34 11.04
C VAL A 36 -9.74 -13.01 10.58
N GLY A 37 -9.04 -12.19 11.36
CA GLY A 37 -7.67 -11.89 11.05
C GLY A 37 -7.50 -10.68 10.15
N PHE A 38 -6.28 -10.54 9.63
CA PHE A 38 -5.87 -9.35 8.90
C PHE A 38 -5.04 -9.72 7.68
N VAL A 39 -4.91 -8.75 6.78
CA VAL A 39 -4.27 -8.93 5.49
C VAL A 39 -2.80 -8.54 5.61
N GLY A 40 -1.91 -9.51 5.44
CA GLY A 40 -0.49 -9.27 5.26
C GLY A 40 -0.12 -9.14 3.80
N ASP A 41 1.16 -9.35 3.51
CA ASP A 41 1.71 -9.02 2.20
C ASP A 41 0.82 -9.59 1.09
N PRO A 42 0.33 -8.77 0.16
CA PRO A 42 -0.45 -9.31 -0.95
C PRO A 42 0.42 -9.76 -2.13
N MET A 43 -0.16 -10.67 -2.91
CA MET A 43 0.50 -11.28 -4.06
CA MET A 43 0.50 -11.28 -4.06
C MET A 43 -0.49 -11.21 -5.22
N PRO A 44 -0.63 -10.05 -5.85
CA PRO A 44 -1.63 -9.88 -6.89
C PRO A 44 -1.21 -10.49 -8.22
N PHE A 45 -2.21 -10.91 -8.99
CA PHE A 45 -2.00 -11.68 -10.20
C PHE A 45 -3.20 -11.49 -11.10
N TYR A 46 -2.95 -11.15 -12.37
CA TYR A 46 -4.03 -11.09 -13.34
C TYR A 46 -4.21 -12.47 -13.96
N ASP A 47 -5.35 -13.08 -13.71
CA ASP A 47 -5.70 -14.41 -14.19
C ASP A 47 -6.10 -14.32 -15.65
N PRO A 48 -5.26 -14.77 -16.58
CA PRO A 48 -5.59 -14.59 -18.00
C PRO A 48 -6.72 -15.47 -18.48
N VAL A 49 -7.11 -16.48 -17.71
CA VAL A 49 -8.24 -17.33 -18.07
C VAL A 49 -9.54 -16.76 -17.52
N ALA A 50 -9.56 -16.48 -16.21
CA ALA A 50 -10.75 -15.91 -15.60
C ALA A 50 -10.93 -14.43 -15.95
N LYS A 51 -9.88 -13.77 -16.41
CA LYS A 51 -9.92 -12.34 -16.73
C LYS A 51 -10.32 -11.52 -15.50
N ASP A 52 -9.70 -11.84 -14.37
CA ASP A 52 -9.85 -11.04 -13.16
C ASP A 52 -8.53 -11.09 -12.40
N PHE A 53 -8.47 -10.36 -11.30
CA PHE A 53 -7.30 -10.36 -10.43
C PHE A 53 -7.51 -11.35 -9.30
N LYS A 54 -6.52 -12.20 -9.08
CA LYS A 54 -6.43 -13.02 -7.88
C LYS A 54 -5.39 -12.36 -6.98
N VAL A 55 -5.80 -11.98 -5.77
CA VAL A 55 -4.86 -11.42 -4.83
C VAL A 55 -4.70 -12.41 -3.68
N MET A 56 -3.69 -13.27 -3.79
CA MET A 56 -3.24 -14.04 -2.64
C MET A 56 -2.65 -13.09 -1.60
N TYR A 57 -2.66 -13.52 -0.34
CA TYR A 57 -2.09 -12.67 0.70
C TYR A 57 -1.77 -13.53 1.92
N LEU A 58 -0.81 -13.06 2.71
CA LEU A 58 -0.43 -13.73 3.95
C LEU A 58 -1.48 -13.43 5.01
N GLN A 59 -2.15 -14.46 5.48
CA GLN A 59 -3.22 -14.30 6.47
C GLN A 59 -2.63 -14.18 7.86
N ASP A 60 -2.93 -13.09 8.53
CA ASP A 60 -2.37 -12.77 9.84
C ASP A 60 -3.44 -12.90 10.92
N TYR A 61 -3.06 -13.46 12.05
CA TYR A 61 -3.92 -13.57 13.21
C TYR A 61 -3.27 -12.89 14.40
N ARG A 62 -4.10 -12.48 15.35
CA ARG A 62 -3.68 -11.71 16.52
C ARG A 62 -4.13 -12.45 17.77
N PRO A 63 -3.26 -13.30 18.36
CA PRO A 63 -1.89 -13.63 17.95
C PRO A 63 -1.80 -14.77 16.94
N ASN A 64 -0.59 -14.98 16.40
CA ASN A 64 -0.35 -16.10 15.52
C ASN A 64 0.11 -17.31 16.31
N PRO A 65 -0.13 -18.52 15.80
CA PRO A 65 0.45 -19.71 16.42
C PRO A 65 1.97 -19.63 16.40
N GLU A 66 2.59 -20.34 17.34
CA GLU A 66 4.02 -20.56 17.28
C GLU A 66 4.36 -21.44 16.09
N ALA A 67 5.39 -21.04 15.35
CA ALA A 67 6.01 -21.85 14.31
C ALA A 67 5.24 -21.86 13.00
N THR A 68 3.95 -22.14 13.05
CA THR A 68 3.14 -22.36 11.84
C THR A 68 2.16 -21.20 11.70
N TYR A 69 2.52 -20.23 10.85
CA TYR A 69 1.68 -19.05 10.68
C TYR A 69 1.87 -18.47 9.29
N HIS A 70 0.97 -17.54 8.94
CA HIS A 70 0.91 -16.83 7.66
C HIS A 70 0.68 -17.78 6.50
N PRO A 71 -0.36 -18.60 6.57
CA PRO A 71 -0.81 -19.35 5.39
C PRO A 71 -1.25 -18.37 4.31
N ILE A 72 -1.30 -18.85 3.08
CA ILE A 72 -1.73 -18.00 1.95
C ILE A 72 -3.22 -18.17 1.75
N PHE A 73 -3.97 -17.09 2.00
CA PHE A 73 -5.36 -16.97 1.64
C PHE A 73 -5.47 -16.21 0.32
N GLY A 74 -6.70 -15.99 -0.15
CA GLY A 74 -6.89 -15.24 -1.37
C GLY A 74 -8.21 -14.51 -1.42
N VAL A 75 -8.25 -13.46 -2.24
CA VAL A 75 -9.46 -12.80 -2.69
C VAL A 75 -9.38 -12.67 -4.20
N ALA A 76 -10.54 -12.56 -4.84
CA ALA A 76 -10.65 -12.29 -6.26
C ALA A 76 -11.37 -10.97 -6.46
N THR A 77 -10.94 -10.21 -7.47
CA THR A 77 -11.56 -8.94 -7.78
C THR A 77 -11.37 -8.64 -9.25
N LYS A 78 -12.40 -8.07 -9.87
CA LYS A 78 -12.26 -7.58 -11.22
C LYS A 78 -11.62 -6.20 -11.28
N ASP A 79 -11.69 -5.43 -10.20
CA ASP A 79 -11.48 -4.00 -10.31
C ASP A 79 -10.85 -3.34 -9.10
N GLY A 80 -10.51 -4.08 -8.05
CA GLY A 80 -9.93 -3.47 -6.88
C GLY A 80 -10.91 -2.81 -5.94
N ALA A 81 -12.21 -2.96 -6.18
CA ALA A 81 -13.24 -2.39 -5.31
C ALA A 81 -14.17 -3.45 -4.73
N THR A 82 -14.51 -4.47 -5.50
CA THR A 82 -15.42 -5.53 -5.09
C THR A 82 -14.63 -6.83 -4.96
N TYR A 83 -14.68 -7.45 -3.79
CA TYR A 83 -13.85 -8.60 -3.48
C TYR A 83 -14.69 -9.82 -3.13
N GLU A 84 -14.22 -10.99 -3.60
CA GLU A 84 -14.78 -12.29 -3.27
C GLU A 84 -13.73 -13.06 -2.48
N SER A 85 -14.10 -13.53 -1.28
CA SER A 85 -13.18 -14.31 -0.47
C SER A 85 -12.99 -15.70 -1.07
N LEU A 86 -11.71 -16.10 -1.21
CA LEU A 86 -11.37 -17.43 -1.69
C LEU A 86 -10.95 -18.36 -0.56
N GLY A 87 -10.75 -17.85 0.65
CA GLY A 87 -10.35 -18.72 1.74
C GLY A 87 -8.90 -19.14 1.67
N GLU A 88 -8.59 -20.19 2.42
CA GLU A 88 -7.22 -20.69 2.53
C GLU A 88 -6.84 -21.46 1.27
N LEU A 89 -5.72 -21.07 0.65
CA LEU A 89 -5.29 -21.68 -0.59
C LEU A 89 -4.02 -22.51 -0.44
N ILE A 90 -3.01 -22.01 0.24
CA ILE A 90 -1.78 -22.76 0.49
C ILE A 90 -1.53 -22.74 1.99
N SER A 91 -1.67 -23.90 2.63
CA SER A 91 -1.54 -24.01 4.07
C SER A 91 -0.09 -24.08 4.50
N CYS A 92 0.15 -23.73 5.76
CA CYS A 92 1.46 -23.88 6.37
C CYS A 92 1.89 -25.34 6.38
N GLY A 93 3.20 -25.54 6.30
CA GLY A 93 3.76 -26.84 6.58
C GLY A 93 3.68 -27.16 8.05
N GLY A 94 4.10 -28.37 8.39
CA GLY A 94 4.14 -28.77 9.78
C GLY A 94 5.22 -28.02 10.55
N ARG A 95 5.11 -28.11 11.87
CA ARG A 95 5.98 -27.34 12.77
C ARG A 95 7.45 -27.45 12.38
N ASP A 96 7.90 -28.64 11.99
CA ASP A 96 9.32 -28.87 11.74
C ASP A 96 9.69 -28.78 10.27
N GLU A 97 8.76 -28.42 9.40
CA GLU A 97 9.03 -28.43 7.97
C GLU A 97 9.56 -27.08 7.49
N GLN A 98 10.12 -27.08 6.28
CA GLN A 98 10.75 -25.88 5.77
C GLN A 98 9.78 -24.72 5.64
N ASP A 99 8.51 -24.99 5.32
CA ASP A 99 7.51 -23.93 5.17
C ASP A 99 6.53 -23.92 6.33
N ALA A 100 7.02 -24.19 7.54
CA ALA A 100 6.19 -24.05 8.73
C ALA A 100 5.51 -22.69 8.76
N ALA A 101 6.27 -21.62 8.51
CA ALA A 101 5.72 -20.29 8.32
C ALA A 101 5.96 -19.88 6.87
N ILE A 102 4.94 -19.35 6.22
CA ILE A 102 5.03 -18.99 4.81
C ILE A 102 5.26 -17.49 4.70
N GLY A 103 6.17 -17.13 3.80
CA GLY A 103 6.42 -15.74 3.47
C GLY A 103 6.08 -15.47 2.01
N THR A 104 6.13 -14.17 1.68
CA THR A 104 5.60 -13.67 0.42
C THR A 104 6.26 -14.33 -0.79
N GLY A 105 5.48 -14.42 -1.86
CA GLY A 105 5.96 -14.93 -3.13
C GLY A 105 5.22 -14.28 -4.28
N GLY A 106 5.03 -15.05 -5.33
CA GLY A 106 4.44 -14.53 -6.55
C GLY A 106 3.83 -15.64 -7.38
N THR A 107 2.79 -15.28 -8.14
CA THR A 107 2.01 -16.21 -8.92
C THR A 107 2.17 -15.91 -10.41
N ILE A 108 2.09 -16.96 -11.22
CA ILE A 108 2.18 -16.83 -12.67
C ILE A 108 1.47 -18.03 -13.29
N TYR A 109 0.91 -17.82 -14.48
CA TYR A 109 0.21 -18.88 -15.21
C TYR A 109 1.12 -19.44 -16.28
N ASN A 110 1.11 -20.77 -16.43
CA ASN A 110 1.90 -21.46 -17.42
C ASN A 110 0.96 -22.00 -18.50
N PRO A 111 0.88 -21.39 -19.67
CA PRO A 111 -0.05 -21.89 -20.70
C PRO A 111 0.33 -23.26 -21.24
N ALA A 112 1.59 -23.66 -21.12
CA ALA A 112 2.03 -24.92 -21.70
C ALA A 112 1.40 -26.11 -20.97
N ASP A 113 1.37 -26.08 -19.63
CA ASP A 113 0.72 -27.14 -18.87
C ASP A 113 -0.58 -26.68 -18.21
N LYS A 114 -0.99 -25.43 -18.44
CA LYS A 114 -2.27 -24.92 -17.93
C LYS A 114 -2.34 -25.03 -16.41
N LEU A 115 -1.22 -24.77 -15.75
CA LEU A 115 -1.18 -24.70 -14.30
C LEU A 115 -0.80 -23.30 -13.84
N TYR A 116 -1.45 -22.85 -12.78
CA TYR A 116 -0.99 -21.70 -12.01
C TYR A 116 0.11 -22.15 -11.07
N TYR A 117 1.19 -21.37 -11.02
CA TYR A 117 2.33 -21.63 -10.16
C TYR A 117 2.43 -20.50 -9.14
N THR A 118 2.48 -20.83 -7.86
CA THR A 118 2.76 -19.83 -6.83
C THR A 118 4.06 -20.23 -6.13
N PHE A 119 5.11 -19.46 -6.34
CA PHE A 119 6.35 -19.61 -5.59
C PHE A 119 6.25 -18.78 -4.33
N TYR A 120 6.80 -19.29 -3.23
CA TYR A 120 6.65 -18.63 -1.95
C TYR A 120 7.86 -18.92 -1.08
N THR A 121 7.92 -18.26 0.07
CA THR A 121 9.04 -18.38 0.99
C THR A 121 8.69 -19.36 2.10
N GLY A 122 9.50 -20.40 2.24
CA GLY A 122 9.39 -21.31 3.37
C GLY A 122 10.31 -20.93 4.51
N ASN A 123 9.74 -20.53 5.64
CA ASN A 123 10.50 -20.10 6.81
C ASN A 123 10.58 -21.27 7.80
N LYS A 124 11.79 -21.78 8.00
CA LYS A 124 12.03 -22.85 8.95
C LYS A 124 11.94 -22.33 10.38
N PHE A 125 11.31 -23.11 11.24
CA PHE A 125 11.23 -22.77 12.65
C PHE A 125 12.52 -23.18 13.36
N LYS A 126 13.13 -22.23 14.05
CA LYS A 126 14.37 -22.41 14.82
C LYS A 126 15.40 -23.20 14.01
N PRO A 127 15.88 -22.66 12.89
CA PRO A 127 16.84 -23.42 12.08
C PRO A 127 18.19 -23.59 12.76
N SER A 128 18.80 -24.75 12.53
CA SER A 128 20.16 -25.02 12.99
C SER A 128 21.17 -24.38 12.03
N SER A 129 22.43 -24.35 12.48
CA SER A 129 23.52 -23.77 11.69
C SER A 129 23.52 -24.29 10.26
N ASP A 130 23.25 -25.58 10.08
CA ASP A 130 23.33 -26.24 8.79
C ASP A 130 22.09 -26.04 7.95
N GLN A 131 21.01 -25.52 8.51
CA GLN A 131 19.76 -25.35 7.78
C GLN A 131 19.69 -23.95 7.19
N ASN A 132 18.67 -23.75 6.35
CA ASN A 132 18.39 -22.46 5.74
C ASN A 132 17.12 -21.90 6.38
N ALA A 133 17.21 -20.70 6.95
CA ALA A 133 16.01 -20.08 7.52
C ALA A 133 14.95 -19.86 6.45
N GLN A 134 15.38 -19.53 5.23
CA GLN A 134 14.45 -19.23 4.14
C GLN A 134 14.85 -19.97 2.87
N VAL A 135 13.86 -20.59 2.25
CA VAL A 135 14.01 -21.38 1.02
C VAL A 135 12.79 -21.10 0.16
N VAL A 136 12.97 -20.96 -1.15
CA VAL A 136 11.86 -20.72 -2.05
C VAL A 136 11.27 -22.06 -2.47
N MET A 137 9.95 -22.18 -2.35
CA MET A 137 9.18 -23.39 -2.59
C MET A 137 8.03 -23.03 -3.50
N VAL A 138 7.27 -24.03 -3.95
CA VAL A 138 6.25 -23.79 -4.95
C VAL A 138 5.07 -24.73 -4.78
N ALA A 139 3.89 -24.26 -5.21
CA ALA A 139 2.67 -25.04 -5.30
C ALA A 139 1.98 -24.70 -6.61
N THR A 140 1.20 -25.63 -7.14
CA THR A 140 0.52 -25.46 -8.42
C THR A 140 -0.96 -25.76 -8.28
N SER A 141 -1.74 -25.26 -9.24
CA SER A 141 -3.16 -25.57 -9.26
C SER A 141 -3.71 -25.40 -10.66
N PRO A 142 -4.64 -26.25 -11.08
CA PRO A 142 -5.24 -26.08 -12.41
C PRO A 142 -6.42 -25.12 -12.42
N ASP A 143 -6.97 -24.80 -11.24
CA ASP A 143 -8.19 -24.02 -11.17
C ASP A 143 -8.17 -22.89 -10.15
N PHE A 144 -7.05 -22.66 -9.48
CA PHE A 144 -6.86 -21.67 -8.43
C PHE A 144 -7.60 -22.01 -7.15
N LYS A 145 -8.32 -23.13 -7.10
CA LYS A 145 -9.04 -23.56 -5.91
C LYS A 145 -8.28 -24.63 -5.11
N THR A 146 -7.77 -25.65 -5.78
CA THR A 146 -7.02 -26.72 -5.14
C THR A 146 -5.55 -26.58 -5.49
N TRP A 147 -4.71 -26.39 -4.47
CA TRP A 147 -3.28 -26.17 -4.63
C TRP A 147 -2.52 -27.36 -4.10
N THR A 148 -1.51 -27.79 -4.87
CA THR A 148 -0.69 -28.95 -4.55
C THR A 148 0.76 -28.52 -4.41
N LYS A 149 1.33 -28.74 -3.23
CA LYS A 149 2.73 -28.41 -3.02
C LYS A 149 3.63 -29.36 -3.78
N ASN A 150 4.68 -28.80 -4.38
CA ASN A 150 5.74 -29.61 -5.00
C ASN A 150 6.72 -30.02 -3.90
N ARG A 151 6.65 -31.30 -3.51
CA ARG A 151 7.40 -31.77 -2.35
C ARG A 151 8.87 -32.04 -2.65
N THR A 152 9.35 -31.74 -3.86
CA THR A 152 10.75 -31.89 -4.18
C THR A 152 11.44 -30.60 -4.60
N PHE A 153 10.73 -29.48 -4.65
CA PHE A 153 11.31 -28.22 -5.10
C PHE A 153 11.72 -27.38 -3.88
N TYR A 154 13.03 -27.14 -3.74
CA TYR A 154 13.59 -26.36 -2.63
C TYR A 154 14.76 -25.57 -3.21
N LEU A 155 14.56 -24.27 -3.45
CA LEU A 155 15.59 -23.40 -4.00
C LEU A 155 16.29 -22.67 -2.87
N LYS A 156 17.59 -22.92 -2.73
CA LYS A 156 18.38 -22.42 -1.61
C LYS A 156 19.37 -21.38 -2.12
N GLY A 157 19.45 -20.26 -1.39
CA GLY A 157 20.32 -19.18 -1.83
C GLY A 157 21.78 -19.57 -1.88
N ASP A 158 22.23 -20.34 -0.90
CA ASP A 158 23.66 -20.63 -0.83
C ASP A 158 24.11 -21.62 -1.91
N THR A 159 23.18 -22.32 -2.55
CA THR A 159 23.54 -23.12 -3.71
C THR A 159 24.17 -22.26 -4.81
N TYR A 160 23.82 -20.97 -4.84
CA TYR A 160 24.24 -20.06 -5.91
C TYR A 160 25.07 -18.90 -5.39
N GLY A 161 25.58 -19.00 -4.17
CA GLY A 161 26.41 -17.96 -3.60
C GLY A 161 25.66 -16.89 -2.85
N TYR A 162 24.36 -17.02 -2.66
CA TYR A 162 23.59 -16.05 -1.93
C TYR A 162 23.35 -16.55 -0.49
N ASP A 163 22.42 -15.94 0.20
CA ASP A 163 22.29 -16.07 1.65
C ASP A 163 21.45 -17.27 2.03
N LYS A 164 21.83 -17.90 3.16
CA LYS A 164 21.10 -19.06 3.64
C LYS A 164 19.83 -18.68 4.39
N ASN A 165 19.77 -17.49 4.95
CA ASN A 165 18.67 -17.13 5.86
C ASN A 165 17.81 -15.98 5.36
N ASP A 166 18.34 -15.07 4.54
CA ASP A 166 17.55 -14.05 3.86
C ASP A 166 17.47 -14.44 2.38
N PHE A 167 16.34 -15.03 1.97
CA PHE A 167 16.19 -15.53 0.59
C PHE A 167 14.68 -15.68 0.37
N ARG A 168 14.04 -14.61 -0.11
CA ARG A 168 12.59 -14.55 0.03
C ARG A 168 11.94 -13.66 -1.04
N ASP A 169 10.61 -13.62 -0.99
CA ASP A 169 9.73 -12.77 -1.78
C ASP A 169 9.90 -12.97 -3.28
N PRO A 170 9.86 -14.21 -3.78
CA PRO A 170 10.04 -14.42 -5.23
C PRO A 170 8.99 -13.70 -6.04
N PHE A 171 9.45 -13.02 -7.10
CA PHE A 171 8.59 -12.36 -8.06
C PHE A 171 8.79 -13.03 -9.42
N LEU A 172 7.69 -13.42 -10.05
CA LEU A 172 7.72 -14.15 -11.31
C LEU A 172 7.21 -13.29 -12.45
N PHE A 173 7.93 -13.28 -13.57
CA PHE A 173 7.43 -12.66 -14.80
C PHE A 173 8.01 -13.36 -16.00
N GLN A 174 7.24 -13.36 -17.09
CA GLN A 174 7.66 -13.94 -18.36
C GLN A 174 7.88 -12.82 -19.36
N THR A 175 9.04 -12.80 -20.00
CA THR A 175 9.32 -11.80 -21.01
C THR A 175 8.81 -12.25 -22.39
N GLU A 176 8.86 -11.31 -23.34
CA GLU A 176 8.23 -11.53 -24.64
C GLU A 176 8.87 -12.67 -25.41
N ASP A 177 10.13 -12.96 -25.13
CA ASP A 177 10.82 -14.08 -25.76
C ASP A 177 10.41 -15.43 -25.19
N GLY A 178 9.58 -15.43 -24.14
CA GLY A 178 9.09 -16.67 -23.54
C GLY A 178 9.83 -17.10 -22.29
N VAL A 179 10.94 -16.45 -21.95
CA VAL A 179 11.72 -16.85 -20.79
C VAL A 179 10.99 -16.47 -19.51
N TYR A 180 10.96 -17.39 -18.55
CA TYR A 180 10.44 -17.10 -17.23
C TYR A 180 11.57 -16.58 -16.34
N HIS A 181 11.28 -15.53 -15.58
CA HIS A 181 12.24 -14.94 -14.66
C HIS A 181 11.67 -14.95 -13.25
N MET A 182 12.52 -15.32 -12.29
CA MET A 182 12.20 -15.26 -10.88
C MET A 182 13.22 -14.37 -10.19
N LEU A 183 12.74 -13.32 -9.53
CA LEU A 183 13.59 -12.39 -8.78
C LEU A 183 13.39 -12.63 -7.29
N ILE A 184 14.48 -12.77 -6.56
CA ILE A 184 14.45 -13.13 -5.14
C ILE A 184 15.28 -12.14 -4.34
N ALA A 185 14.70 -11.61 -3.27
CA ALA A 185 15.40 -10.67 -2.40
C ALA A 185 16.32 -11.44 -1.47
N THR A 186 17.61 -11.17 -1.54
CA THR A 186 18.57 -11.94 -0.75
C THR A 186 19.80 -11.08 -0.48
N ARG A 187 20.89 -11.71 -0.07
CA ARG A 187 22.13 -11.01 0.20
C ARG A 187 23.27 -11.81 -0.41
N LYS A 188 24.33 -11.10 -0.80
CA LYS A 188 25.59 -11.74 -1.17
C LYS A 188 26.67 -11.07 -0.34
N ASN A 189 27.33 -11.85 0.51
CA ASN A 189 28.33 -11.31 1.43
C ASN A 189 27.72 -10.16 2.24
N GLY A 190 26.50 -10.37 2.72
CA GLY A 190 25.83 -9.39 3.57
C GLY A 190 25.13 -8.25 2.85
N LYS A 191 25.61 -7.88 1.67
CA LYS A 191 25.03 -6.79 0.89
C LYS A 191 23.74 -7.26 0.22
N GLY A 192 22.73 -6.41 0.23
CA GLY A 192 21.44 -6.77 -0.36
C GLY A 192 21.54 -6.93 -1.86
N HIS A 193 21.03 -8.05 -2.37
CA HIS A 193 21.05 -8.39 -3.79
C HIS A 193 19.67 -8.92 -4.18
N ILE A 194 19.13 -8.46 -5.30
CA ILE A 194 18.01 -9.14 -5.94
C ILE A 194 18.63 -10.13 -6.94
N ALA A 195 18.51 -11.42 -6.64
CA ALA A 195 19.05 -12.47 -7.51
C ALA A 195 18.02 -12.84 -8.56
N GLU A 196 18.50 -13.16 -9.76
CA GLU A 196 17.64 -13.56 -10.87
C GLU A 196 17.88 -15.03 -11.22
N PHE A 197 16.79 -15.75 -11.46
CA PHE A 197 16.82 -17.11 -11.98
C PHE A 197 15.94 -17.17 -13.22
N THR A 198 16.32 -18.01 -14.18
CA THR A 198 15.60 -18.13 -15.43
C THR A 198 15.17 -19.57 -15.66
N SER A 199 14.11 -19.74 -16.43
CA SER A 199 13.60 -21.08 -16.72
C SER A 199 12.73 -21.03 -17.98
N ALA A 200 12.73 -22.14 -18.71
CA ALA A 200 11.82 -22.30 -19.83
C ALA A 200 10.47 -22.87 -19.43
N ASP A 201 10.39 -23.55 -18.29
CA ASP A 201 9.21 -24.33 -17.94
C ASP A 201 8.72 -24.15 -16.52
N LEU A 202 9.37 -23.28 -15.73
CA LEU A 202 9.07 -23.00 -14.33
C LEU A 202 9.46 -24.15 -13.40
N LYS A 203 10.06 -25.21 -13.92
CA LYS A 203 10.49 -26.36 -13.12
C LYS A 203 12.00 -26.42 -12.96
N GLU A 204 12.74 -26.25 -14.04
CA GLU A 204 14.20 -26.28 -14.05
C GLU A 204 14.72 -24.85 -14.13
N TRP A 205 15.51 -24.45 -13.14
CA TRP A 205 15.95 -23.07 -12.99
C TRP A 205 17.47 -22.97 -13.07
N GLU A 206 17.94 -21.89 -13.70
CA GLU A 206 19.35 -21.55 -13.69
C GLU A 206 19.53 -20.15 -13.10
N SER A 207 20.66 -19.95 -12.42
CA SER A 207 20.98 -18.64 -11.88
C SER A 207 21.50 -17.73 -12.99
N ALA A 208 20.91 -16.54 -13.10
CA ALA A 208 21.40 -15.49 -13.98
C ALA A 208 22.18 -14.43 -13.21
N GLY A 209 22.67 -14.77 -12.02
CA GLY A 209 23.43 -13.81 -11.25
C GLY A 209 22.54 -12.78 -10.59
N THR A 210 23.10 -11.59 -10.37
CA THR A 210 22.41 -10.54 -9.66
C THR A 210 21.66 -9.64 -10.65
N PHE A 211 20.37 -9.49 -10.44
CA PHE A 211 19.56 -8.55 -11.20
C PHE A 211 19.94 -7.12 -10.84
N MET A 212 19.83 -6.78 -9.56
CA MET A 212 20.19 -5.47 -9.04
C MET A 212 20.71 -5.62 -7.62
N THR A 213 21.67 -4.78 -7.25
CA THR A 213 21.99 -4.65 -5.84
C THR A 213 21.03 -3.64 -5.20
N MET A 214 20.91 -3.73 -3.88
CA MET A 214 20.08 -2.82 -3.11
C MET A 214 20.95 -1.70 -2.55
N MET A 215 20.43 -0.48 -2.59
CA MET A 215 21.24 0.67 -2.22
C MET A 215 21.77 0.54 -0.80
N TRP A 216 23.05 0.88 -0.62
CA TRP A 216 23.68 1.05 0.70
C TRP A 216 23.32 -0.17 1.54
N ASP A 217 22.77 0.00 2.74
CA ASP A 217 22.40 -1.11 3.62
CA ASP A 217 22.40 -1.12 3.59
C ASP A 217 20.89 -1.33 3.66
N ARG A 218 20.19 -0.90 2.61
CA ARG A 218 18.76 -1.09 2.50
C ARG A 218 18.46 -2.56 2.19
N PHE A 219 17.19 -2.93 2.36
CA PHE A 219 16.74 -4.24 1.91
C PHE A 219 15.37 -4.09 1.27
N TYR A 220 15.26 -4.56 0.03
CA TYR A 220 14.08 -4.35 -0.80
C TYR A 220 13.17 -5.57 -0.67
N GLU A 221 12.14 -5.43 0.16
CA GLU A 221 11.11 -6.45 0.26
C GLU A 221 10.19 -6.41 -0.96
N CYS A 222 9.61 -7.56 -1.29
CA CYS A 222 8.51 -7.65 -2.24
C CYS A 222 8.83 -6.94 -3.56
N PRO A 223 9.92 -7.29 -4.21
CA PRO A 223 10.25 -6.66 -5.50
C PRO A 223 9.24 -7.05 -6.57
N ASP A 224 9.02 -6.11 -7.50
CA ASP A 224 8.03 -6.23 -8.57
C ASP A 224 8.60 -5.50 -9.77
N VAL A 225 8.84 -6.22 -10.87
CA VAL A 225 9.44 -5.64 -12.08
C VAL A 225 8.45 -5.79 -13.23
N PHE A 226 8.24 -4.71 -13.97
CA PHE A 226 7.28 -4.71 -15.06
C PHE A 226 7.60 -3.58 -16.02
N LYS A 227 7.09 -3.71 -17.24
CA LYS A 227 7.17 -2.65 -18.24
C LYS A 227 5.81 -1.99 -18.38
N MET A 228 5.81 -0.67 -18.43
CA MET A 228 4.59 0.12 -18.60
C MET A 228 4.92 1.22 -19.59
N GLY A 229 4.21 1.24 -20.72
CA GLY A 229 4.56 2.20 -21.75
C GLY A 229 5.99 1.97 -22.20
N ASP A 230 6.76 3.06 -22.25
CA ASP A 230 8.15 3.00 -22.70
C ASP A 230 9.14 2.96 -21.53
N TRP A 231 8.70 2.48 -20.36
CA TRP A 231 9.56 2.42 -19.19
C TRP A 231 9.46 1.10 -18.48
N TRP A 232 10.60 0.64 -17.97
CA TRP A 232 10.70 -0.46 -17.03
C TRP A 232 10.77 0.08 -15.60
N TYR A 233 10.19 -0.68 -14.67
CA TYR A 233 10.10 -0.27 -13.28
C TYR A 233 10.46 -1.40 -12.33
N LEU A 234 11.07 -1.02 -11.21
CA LEU A 234 11.15 -1.86 -10.02
C LEU A 234 10.37 -1.16 -8.92
N ILE A 235 9.32 -1.82 -8.43
CA ILE A 235 8.63 -1.38 -7.22
C ILE A 235 9.06 -2.29 -6.09
N TYR A 236 9.25 -1.71 -4.91
CA TYR A 236 9.75 -2.47 -3.77
C TYR A 236 9.28 -1.79 -2.49
N SER A 237 9.44 -2.49 -1.37
CA SER A 237 9.07 -2.00 -0.05
C SER A 237 10.31 -2.00 0.81
N GLU A 238 10.67 -0.83 1.33
CA GLU A 238 11.93 -0.73 2.06
C GLU A 238 11.78 -1.31 3.45
N GLN A 239 12.69 -2.24 3.81
CA GLN A 239 12.64 -2.86 5.13
C GLN A 239 13.20 -1.94 6.21
N ALA A 240 14.15 -1.07 5.87
CA ALA A 240 14.77 -0.20 6.88
C ALA A 240 13.71 0.51 7.70
N SER A 241 13.90 0.51 9.02
CA SER A 241 12.85 0.98 9.91
CA SER A 241 12.85 0.98 9.91
C SER A 241 12.55 2.46 9.73
N PHE A 242 13.56 3.26 9.36
CA PHE A 242 13.30 4.69 9.19
C PHE A 242 12.45 4.98 7.97
N MET A 243 12.29 4.01 7.05
CA MET A 243 11.57 4.23 5.81
C MET A 243 10.22 3.52 5.85
N ARG A 244 10.20 2.19 5.68
CA ARG A 244 8.98 1.40 5.70
C ARG A 244 7.91 1.98 4.76
N LYS A 245 8.34 2.25 3.53
CA LYS A 245 7.48 2.81 2.50
C LYS A 245 7.66 2.02 1.21
N VAL A 246 6.67 2.14 0.32
CA VAL A 246 6.77 1.60 -1.03
C VAL A 246 7.48 2.62 -1.92
N GLN A 247 8.53 2.17 -2.61
CA GLN A 247 9.36 3.00 -3.47
C GLN A 247 9.49 2.36 -4.83
N TYR A 248 10.11 3.08 -5.78
CA TYR A 248 10.36 2.51 -7.10
C TYR A 248 11.59 3.13 -7.75
N PHE A 249 12.11 2.41 -8.75
CA PHE A 249 13.09 2.90 -9.71
C PHE A 249 12.54 2.72 -11.12
N LYS A 250 13.10 3.45 -12.09
CA LYS A 250 12.67 3.37 -13.47
C LYS A 250 13.86 3.45 -14.42
N GLY A 251 13.66 2.91 -15.62
CA GLY A 251 14.64 3.01 -16.69
C GLY A 251 13.98 2.73 -18.02
N ARG A 252 14.52 3.34 -19.09
CA ARG A 252 13.92 3.15 -20.40
C ARG A 252 14.11 1.72 -20.90
N THR A 253 15.15 1.05 -20.43
CA THR A 253 15.45 -0.34 -20.76
C THR A 253 15.69 -1.09 -19.46
N LEU A 254 15.69 -2.41 -19.54
CA LEU A 254 15.98 -3.21 -18.35
C LEU A 254 17.38 -2.93 -17.83
N GLU A 255 18.35 -2.75 -18.73
CA GLU A 255 19.70 -2.45 -18.26
C GLU A 255 19.76 -1.07 -17.62
N ASP A 256 19.00 -0.09 -18.15
CA ASP A 256 18.96 1.21 -17.50
C ASP A 256 18.35 1.11 -16.10
N LEU A 257 17.28 0.33 -15.97
CA LEU A 257 16.68 0.11 -14.65
C LEU A 257 17.70 -0.49 -13.70
N LYS A 258 18.38 -1.55 -14.13
CA LYS A 258 19.32 -2.24 -13.25
C LYS A 258 20.47 -1.33 -12.85
N ALA A 259 20.82 -0.38 -13.71
CA ALA A 259 21.92 0.53 -13.42
C ALA A 259 21.59 1.57 -12.37
N THR A 260 20.30 1.77 -12.03
CA THR A 260 19.97 2.84 -11.10
C THR A 260 20.62 2.64 -9.74
N THR A 261 20.89 1.39 -9.34
CA THR A 261 21.52 1.12 -8.06
C THR A 261 22.94 0.57 -8.19
N ALA A 262 23.43 0.35 -9.41
CA ALA A 262 24.75 -0.24 -9.58
C ALA A 262 25.82 0.63 -8.92
N ASN A 263 26.68 0.01 -8.14
CA ASN A 263 27.73 0.73 -7.41
C ASN A 263 27.13 1.84 -6.54
N ASP A 264 25.90 1.63 -6.05
CA ASP A 264 25.21 2.62 -5.22
C ASP A 264 25.02 3.95 -5.97
N ALA A 265 24.74 3.88 -7.26
CA ALA A 265 24.60 5.09 -8.06
C ALA A 265 23.46 5.97 -7.52
N GLY A 266 22.39 5.36 -7.04
CA GLY A 266 21.28 6.11 -6.48
C GLY A 266 20.59 7.02 -7.49
N ILE A 267 20.26 6.46 -8.65
CA ILE A 267 19.60 7.23 -9.71
C ILE A 267 18.10 7.14 -9.43
N TRP A 268 17.63 8.02 -8.54
CA TRP A 268 16.23 8.05 -8.18
C TRP A 268 15.37 8.41 -9.39
N PRO A 269 14.14 7.92 -9.45
CA PRO A 269 13.30 8.16 -10.64
C PRO A 269 12.67 9.54 -10.70
N ASP A 270 12.73 10.30 -9.61
CA ASP A 270 12.00 11.55 -9.46
C ASP A 270 12.65 12.32 -8.32
N ASN A 271 11.99 13.37 -7.86
CA ASN A 271 12.58 14.24 -6.84
C ASN A 271 12.27 13.82 -5.42
N ARG A 272 11.64 12.64 -5.22
CA ARG A 272 11.27 12.18 -3.88
C ARG A 272 11.71 10.74 -3.64
N GLU A 273 12.85 10.36 -4.22
CA GLU A 273 13.43 9.03 -4.04
C GLU A 273 12.43 7.92 -4.34
N GLY A 274 11.49 8.20 -5.25
CA GLY A 274 10.52 7.22 -5.65
C GLY A 274 9.56 6.78 -4.58
N MET A 275 9.36 7.59 -3.54
CA MET A 275 8.45 7.24 -2.45
C MET A 275 7.01 7.49 -2.89
N LEU A 276 6.23 6.42 -3.06
CA LEU A 276 4.90 6.54 -3.62
C LEU A 276 3.82 6.83 -2.59
N ASP A 277 3.97 6.31 -1.38
CA ASP A 277 3.03 6.48 -0.27
C ASP A 277 3.89 6.52 0.99
N SER A 278 3.25 6.54 2.15
CA SER A 278 3.96 6.69 3.41
C SER A 278 3.85 5.40 4.22
N ARG A 279 4.00 5.51 5.54
CA ARG A 279 4.20 4.36 6.40
C ARG A 279 2.93 3.57 6.70
N ALA A 280 1.78 3.97 6.15
CA ALA A 280 0.55 3.21 6.35
C ALA A 280 0.11 2.51 5.07
N PHE A 281 1.03 2.27 4.13
CA PHE A 281 0.79 1.49 2.92
C PHE A 281 2.06 0.70 2.65
N TYR A 282 2.01 -0.62 2.79
CA TYR A 282 3.23 -1.42 2.75
C TYR A 282 3.05 -2.67 1.92
N ALA A 283 4.18 -3.20 1.44
CA ALA A 283 4.23 -4.46 0.71
C ALA A 283 3.45 -4.37 -0.60
N GLY A 284 3.56 -3.23 -1.28
CA GLY A 284 2.80 -3.00 -2.48
C GLY A 284 3.36 -3.68 -3.71
N LYS A 285 2.56 -4.52 -4.35
CA LYS A 285 2.92 -5.15 -5.62
C LYS A 285 1.76 -4.99 -6.60
N THR A 286 2.07 -5.10 -7.89
CA THR A 286 1.15 -4.69 -8.93
C THR A 286 0.76 -5.85 -9.85
N ALA A 287 -0.33 -5.61 -10.58
CA ALA A 287 -0.79 -6.47 -11.66
C ALA A 287 -1.59 -5.60 -12.60
N SER A 288 -1.62 -6.00 -13.88
CA SER A 288 -2.27 -5.23 -14.93
C SER A 288 -3.30 -6.11 -15.65
N ASP A 289 -4.43 -5.52 -15.98
CA ASP A 289 -5.43 -6.19 -16.80
C ASP A 289 -5.36 -5.77 -18.27
N GLY A 290 -4.29 -5.09 -18.66
CA GLY A 290 -4.13 -4.59 -20.01
C GLY A 290 -4.62 -3.17 -20.22
N THR A 291 -5.49 -2.68 -19.34
CA THR A 291 -6.00 -1.32 -19.37
C THR A 291 -5.41 -0.47 -18.25
N ASN A 292 -5.42 -1.00 -17.02
CA ASN A 292 -4.85 -0.33 -15.87
C ASN A 292 -3.90 -1.27 -15.15
N ARG A 293 -2.88 -0.70 -14.52
CA ARG A 293 -2.03 -1.43 -13.61
C ARG A 293 -2.34 -0.93 -12.19
N TYR A 294 -2.76 -1.85 -11.33
CA TYR A 294 -3.08 -1.53 -9.95
C TYR A 294 -1.97 -2.04 -9.03
N ILE A 295 -1.88 -1.40 -7.86
CA ILE A 295 -0.97 -1.83 -6.80
C ILE A 295 -1.81 -2.17 -5.58
N TRP A 296 -1.51 -3.31 -4.96
CA TRP A 296 -2.14 -3.74 -3.73
C TRP A 296 -1.11 -3.77 -2.62
N GLY A 297 -1.44 -3.18 -1.48
CA GLY A 297 -0.61 -3.24 -0.29
C GLY A 297 -1.51 -3.36 0.92
N TRP A 298 -0.94 -3.32 2.13
CA TRP A 298 -1.77 -3.32 3.31
C TRP A 298 -1.58 -2.05 4.13
N CYS A 299 -2.64 -1.67 4.84
CA CYS A 299 -2.66 -0.55 5.75
C CYS A 299 -2.66 -1.10 7.17
N PRO A 300 -1.68 -0.74 7.99
CA PRO A 300 -1.56 -1.37 9.31
C PRO A 300 -2.68 -1.01 10.26
N THR A 301 -2.97 -1.95 11.16
CA THR A 301 -3.72 -1.67 12.37
C THR A 301 -2.87 -0.83 13.32
N ARG A 302 -3.52 -0.25 14.32
CA ARG A 302 -2.84 0.45 15.40
C ARG A 302 -3.14 -0.23 16.73
N ALA A 303 -2.12 -0.32 17.58
CA ALA A 303 -2.30 -0.86 18.92
C ALA A 303 -3.39 -0.09 19.66
N GLY A 304 -4.29 -0.82 20.32
CA GLY A 304 -5.36 -0.19 21.08
C GLY A 304 -6.30 0.63 20.23
N ASN A 305 -6.24 0.45 18.91
CA ASN A 305 -6.98 1.28 17.95
C ASN A 305 -6.77 2.76 18.21
N ASP A 306 -5.55 3.10 18.63
CA ASP A 306 -5.13 4.47 18.94
C ASP A 306 -4.41 5.03 17.73
N ASN A 307 -5.04 6.01 17.06
CA ASN A 307 -4.48 6.53 15.82
C ASN A 307 -3.09 7.13 15.99
N GLY A 308 -2.73 7.53 17.22
CA GLY A 308 -1.45 8.11 17.50
C GLY A 308 -0.37 7.15 17.92
N ASN A 309 -0.69 5.87 18.04
CA ASN A 309 0.32 4.84 18.33
C ASN A 309 0.66 4.17 17.01
N VAL A 310 1.73 4.66 16.38
CA VAL A 310 2.13 4.21 15.06
C VAL A 310 3.38 3.35 15.12
N GLY A 311 3.75 2.87 16.29
CA GLY A 311 4.92 2.02 16.46
C GLY A 311 6.13 2.81 16.89
N ASP A 312 6.92 2.26 17.82
CA ASP A 312 8.13 2.94 18.24
C ASP A 312 9.19 2.90 17.16
N VAL A 313 9.30 1.76 16.46
CA VAL A 313 10.31 1.53 15.44
C VAL A 313 9.67 1.24 14.08
N GLU A 314 8.67 0.36 14.07
CA GLU A 314 7.88 -0.01 12.90
C GLU A 314 6.42 -0.11 13.33
N PRO A 315 5.49 0.12 12.40
CA PRO A 315 4.07 -0.05 12.75
C PRO A 315 3.72 -1.53 12.90
N GLU A 316 2.51 -1.78 13.38
CA GLU A 316 2.01 -3.15 13.43
C GLU A 316 2.03 -3.74 12.02
N TRP A 317 2.14 -5.06 11.95
CA TRP A 317 2.27 -5.77 10.69
C TRP A 317 0.91 -6.32 10.28
N ALA A 318 0.49 -6.01 9.06
CA ALA A 318 -0.77 -6.45 8.46
C ALA A 318 -1.94 -5.57 8.87
N GLY A 319 -3.02 -5.63 8.08
CA GLY A 319 -4.23 -4.89 8.39
C GLY A 319 -5.29 -5.06 7.31
N ASN A 320 -5.53 -4.01 6.54
CA ASN A 320 -6.54 -4.02 5.49
C ASN A 320 -5.88 -3.94 4.11
N LEU A 321 -6.50 -4.61 3.15
CA LEU A 321 -6.05 -4.57 1.77
C LEU A 321 -6.44 -3.26 1.11
N VAL A 322 -5.49 -2.61 0.45
CA VAL A 322 -5.72 -1.33 -0.21
C VAL A 322 -5.21 -1.41 -1.65
N ALA A 323 -6.10 -1.18 -2.61
CA ALA A 323 -5.74 -1.10 -4.01
C ALA A 323 -5.63 0.35 -4.44
N GLN A 324 -4.59 0.66 -5.21
CA GLN A 324 -4.44 1.96 -5.86
C GLN A 324 -4.08 1.72 -7.33
N ARG A 325 -4.24 2.77 -8.13
CA ARG A 325 -3.97 2.72 -9.56
C ARG A 325 -2.69 3.47 -9.86
N LEU A 326 -1.85 2.89 -10.71
CA LEU A 326 -0.64 3.56 -11.15
C LEU A 326 -0.98 4.64 -12.18
N ILE A 327 -0.43 5.84 -11.96
CA ILE A 327 -0.52 6.94 -12.91
C ILE A 327 0.89 7.15 -13.47
N GLN A 328 1.07 6.87 -14.75
CA GLN A 328 2.33 7.13 -15.42
C GLN A 328 2.30 8.50 -16.07
N HIS A 329 3.29 9.32 -15.76
CA HIS A 329 3.36 10.67 -16.29
C HIS A 329 4.23 10.71 -17.54
N GLU A 330 4.15 11.84 -18.24
CA GLU A 330 4.82 11.95 -19.53
C GLU A 330 6.33 11.74 -19.41
N ASP A 331 6.91 12.08 -18.26
CA ASP A 331 8.34 11.90 -18.05
C ASP A 331 8.69 10.54 -17.46
N GLY A 332 7.72 9.62 -17.41
CA GLY A 332 7.96 8.29 -16.90
C GLY A 332 7.82 8.14 -15.40
N THR A 333 7.66 9.23 -14.66
CA THR A 333 7.50 9.10 -13.23
C THR A 333 6.12 8.50 -12.90
N LEU A 334 6.02 7.96 -11.69
CA LEU A 334 4.80 7.33 -11.22
C LEU A 334 4.25 8.09 -10.01
N THR A 335 2.93 8.22 -9.97
CA THR A 335 2.17 8.52 -8.77
C THR A 335 1.02 7.52 -8.70
N LEU A 336 0.27 7.56 -7.60
CA LEU A 336 -0.85 6.66 -7.40
C LEU A 336 -2.16 7.46 -7.33
N GLY A 337 -3.21 6.86 -7.89
CA GLY A 337 -4.55 7.42 -7.83
C GLY A 337 -5.56 6.37 -7.43
N VAL A 338 -6.81 6.79 -7.33
CA VAL A 338 -7.86 5.86 -6.91
C VAL A 338 -8.22 4.94 -8.07
N PRO A 339 -8.49 3.66 -7.81
CA PRO A 339 -9.09 2.83 -8.85
C PRO A 339 -10.48 3.36 -9.20
N ASP A 340 -10.79 3.40 -10.49
CA ASP A 340 -12.06 3.97 -10.89
C ASP A 340 -13.22 3.25 -10.24
N ALA A 341 -13.11 1.92 -10.07
CA ALA A 341 -14.23 1.17 -9.49
C ALA A 341 -14.44 1.53 -8.02
N ILE A 342 -13.39 1.94 -7.32
CA ILE A 342 -13.58 2.44 -5.96
C ILE A 342 -14.34 3.76 -5.99
N ASP A 343 -13.92 4.68 -6.85
CA ASP A 343 -14.61 5.97 -6.95
C ASP A 343 -16.10 5.78 -7.19
N ARG A 344 -16.45 4.82 -8.05
CA ARG A 344 -17.84 4.60 -8.43
CA ARG A 344 -17.84 4.62 -8.43
C ARG A 344 -18.69 4.02 -7.32
N LYS A 345 -18.07 3.57 -6.22
CA LYS A 345 -18.84 2.99 -5.13
CA LYS A 345 -18.84 2.99 -5.13
C LYS A 345 -19.59 4.05 -4.32
N TYR A 346 -19.16 5.31 -4.39
CA TYR A 346 -19.73 6.38 -3.56
C TYR A 346 -20.74 7.17 -4.38
N THR A 347 -22.00 6.71 -4.28
CA THR A 347 -23.09 7.16 -5.15
C THR A 347 -24.14 8.02 -4.46
N SER A 348 -24.09 8.17 -3.15
CA SER A 348 -25.18 8.77 -2.40
C SER A 348 -24.71 10.12 -1.88
N ALA A 349 -25.10 11.17 -2.60
CA ALA A 349 -24.69 12.52 -2.23
C ALA A 349 -25.25 12.88 -0.85
N GLN A 350 -24.42 13.55 -0.06
CA GLN A 350 -24.80 14.00 1.28
C GLN A 350 -24.78 15.52 1.33
N GLU A 351 -25.70 16.08 2.12
CA GLU A 351 -25.67 17.50 2.42
C GLU A 351 -24.40 17.83 3.21
N VAL A 352 -23.72 18.90 2.80
CA VAL A 352 -22.56 19.42 3.51
C VAL A 352 -23.01 20.69 4.24
N LYS A 353 -22.83 20.70 5.56
CA LYS A 353 -23.23 21.85 6.36
C LYS A 353 -22.14 22.17 7.38
N VAL A 354 -21.94 23.47 7.62
CA VAL A 354 -21.00 23.93 8.63
C VAL A 354 -21.65 23.77 10.00
N MET A 355 -20.99 23.02 10.88
CA MET A 355 -21.47 22.86 12.25
C MET A 355 -20.73 23.73 13.26
N ALA A 356 -19.52 24.18 12.94
CA ALA A 356 -18.77 25.02 13.87
C ALA A 356 -17.69 25.79 13.12
N LYS A 357 -17.45 27.01 13.55
CA LYS A 357 -16.39 27.86 13.03
C LYS A 357 -15.59 28.40 14.21
N ASP A 358 -14.30 28.58 14.00
CA ASP A 358 -13.44 29.15 15.05
C ASP A 358 -12.31 29.92 14.40
N GLY A 359 -11.99 31.06 14.99
CA GLY A 359 -10.84 31.83 14.56
C GLY A 359 -11.15 32.82 13.47
N ASN A 360 -10.07 33.33 12.89
CA ASN A 360 -10.09 34.41 11.90
C ASN A 360 -10.44 33.83 10.54
N MET A 361 -11.73 33.86 10.20
CA MET A 361 -12.20 33.29 8.96
C MET A 361 -13.49 33.96 8.52
N ILE A 362 -13.83 33.78 7.24
CA ILE A 362 -15.04 34.35 6.65
C ILE A 362 -15.72 33.27 5.83
N GLU A 363 -17.05 33.25 5.91
CA GLU A 363 -17.88 32.40 5.05
C GLU A 363 -18.43 33.24 3.91
N SER A 364 -18.21 32.78 2.68
CA SER A 364 -18.69 33.45 1.47
C SER A 364 -19.52 32.46 0.66
N GLY A 365 -20.73 32.20 1.14
CA GLY A 365 -21.62 31.28 0.47
C GLY A 365 -21.17 29.84 0.62
N LYS A 366 -20.72 29.22 -0.47
CA LYS A 366 -20.16 27.88 -0.42
C LYS A 366 -18.64 27.91 -0.59
N THR A 367 -18.01 29.04 -0.28
CA THR A 367 -16.57 29.14 -0.14
C THR A 367 -16.25 29.66 1.26
N TYR A 368 -15.10 29.26 1.78
CA TYR A 368 -14.63 29.66 3.09
C TYR A 368 -13.17 30.07 2.98
N THR A 369 -12.83 31.20 3.58
CA THR A 369 -11.44 31.67 3.61
C THR A 369 -10.99 31.69 5.06
N LEU A 370 -9.94 30.92 5.36
CA LEU A 370 -9.48 30.70 6.71
C LEU A 370 -8.08 31.30 6.85
N GLY A 371 -7.91 32.17 7.85
CA GLY A 371 -6.60 32.64 8.23
C GLY A 371 -5.94 31.69 9.22
N GLU A 372 -4.70 32.01 9.57
CA GLU A 372 -3.96 31.17 10.52
C GLU A 372 -4.77 30.98 11.79
N GLY A 373 -4.81 29.74 12.27
CA GLY A 373 -5.51 29.40 13.50
C GLY A 373 -6.97 29.11 13.34
N ALA A 374 -7.55 29.34 12.17
CA ALA A 374 -8.98 29.16 11.96
C ALA A 374 -9.29 27.73 11.52
N SER A 375 -10.50 27.29 11.85
CA SER A 375 -10.95 25.97 11.43
C SER A 375 -12.46 26.01 11.26
N VAL A 376 -12.94 25.17 10.35
CA VAL A 376 -14.37 24.94 10.13
C VAL A 376 -14.63 23.46 10.30
N ILE A 377 -15.67 23.12 11.06
CA ILE A 377 -16.07 21.73 11.28
C ILE A 377 -17.35 21.49 10.48
N PHE A 378 -17.36 20.43 9.68
CA PHE A 378 -18.50 20.06 8.86
C PHE A 378 -19.29 18.95 9.53
N ASN A 379 -20.44 18.63 8.94
CA ASN A 379 -21.34 17.67 9.55
C ASN A 379 -20.79 16.25 9.45
N ARG A 380 -21.32 15.39 10.33
CA ARG A 380 -20.83 14.03 10.51
C ARG A 380 -20.71 13.27 9.20
N LEU A 381 -19.62 12.51 9.07
CA LEU A 381 -19.47 11.58 7.97
C LEU A 381 -20.34 10.33 8.23
N LYS A 382 -20.50 9.52 7.19
CA LYS A 382 -21.13 8.21 7.36
C LYS A 382 -20.02 7.16 7.44
N VAL A 383 -20.22 5.97 6.88
CA VAL A 383 -19.32 4.85 7.17
C VAL A 383 -18.27 4.67 6.08
N HIS A 384 -18.65 4.73 4.81
CA HIS A 384 -17.71 4.65 3.69
C HIS A 384 -17.89 5.92 2.86
N ASN A 385 -16.91 6.83 2.92
CA ASN A 385 -17.11 8.18 2.43
C ASN A 385 -16.14 8.56 1.32
N LYS A 386 -16.64 9.37 0.39
CA LYS A 386 -15.81 10.10 -0.57
C LYS A 386 -15.93 11.59 -0.28
N ILE A 387 -14.82 12.20 0.12
CA ILE A 387 -14.76 13.63 0.45
C ILE A 387 -13.93 14.33 -0.63
N SER A 388 -14.46 15.42 -1.17
CA SER A 388 -13.73 16.17 -2.19
C SER A 388 -13.93 17.66 -1.98
N PHE A 389 -12.88 18.41 -2.30
CA PHE A 389 -12.92 19.87 -2.19
C PHE A 389 -11.67 20.42 -2.84
N THR A 390 -11.65 21.74 -3.02
CA THR A 390 -10.50 22.46 -3.54
C THR A 390 -10.02 23.44 -2.50
N VAL A 391 -8.69 23.49 -2.30
CA VAL A 391 -8.05 24.44 -1.41
C VAL A 391 -7.08 25.27 -2.24
N LYS A 392 -7.21 26.60 -2.14
CA LYS A 392 -6.25 27.52 -2.76
C LYS A 392 -5.53 28.26 -1.64
N THR A 393 -4.21 28.18 -1.63
CA THR A 393 -3.42 28.88 -0.63
C THR A 393 -2.99 30.24 -1.16
N ALA A 394 -2.70 31.15 -0.23
CA ALA A 394 -2.27 32.49 -0.61
C ALA A 394 -0.82 32.50 -1.07
N SER A 395 0.01 31.58 -0.56
CA SER A 395 1.42 31.51 -0.91
C SER A 395 1.84 30.06 -1.03
N ASN A 396 3.02 29.83 -1.59
CA ASN A 396 3.58 28.49 -1.68
C ASN A 396 4.33 28.09 -0.41
N THR A 397 4.20 28.85 0.68
CA THR A 397 4.75 28.46 1.96
C THR A 397 3.67 28.27 3.02
N ASP A 398 2.39 28.29 2.63
CA ASP A 398 1.30 28.13 3.57
C ASP A 398 1.17 26.67 4.04
N ARG A 399 0.37 26.48 5.08
CA ARG A 399 0.10 25.15 5.63
C ARG A 399 -1.37 25.04 6.00
N PHE A 400 -2.00 23.92 5.64
CA PHE A 400 -3.39 23.70 6.00
C PHE A 400 -3.58 22.25 6.42
N GLY A 401 -4.74 21.98 7.02
CA GLY A 401 -5.02 20.69 7.60
C GLY A 401 -6.35 20.13 7.17
N ILE A 402 -6.39 18.81 7.02
CA ILE A 402 -7.58 18.03 6.73
C ILE A 402 -7.78 17.13 7.94
N SER A 403 -8.82 17.38 8.73
CA SER A 403 -8.94 16.80 10.06
C SER A 403 -10.13 15.84 10.14
N PHE A 404 -9.93 14.75 10.86
CA PHE A 404 -10.94 13.72 11.07
C PHE A 404 -11.06 13.39 12.54
N VAL A 405 -12.19 12.80 12.90
CA VAL A 405 -12.54 12.47 14.28
C VAL A 405 -12.53 13.74 15.12
N ARG A 406 -12.93 14.86 14.52
CA ARG A 406 -12.91 16.13 15.25
C ARG A 406 -14.34 16.52 15.61
N GLY A 407 -14.81 16.03 16.75
CA GLY A 407 -16.04 16.54 17.31
C GLY A 407 -15.84 17.90 17.94
N THR A 408 -16.94 18.63 18.11
CA THR A 408 -16.85 19.93 18.75
C THR A 408 -16.36 19.81 20.19
N ASP A 409 -16.47 18.62 20.79
CA ASP A 409 -16.00 18.36 22.14
C ASP A 409 -14.73 17.53 22.18
N SER A 410 -14.06 17.33 21.04
CA SER A 410 -12.88 16.47 21.00
C SER A 410 -11.64 17.23 21.45
N ALA A 411 -10.95 16.69 22.45
CA ALA A 411 -9.71 17.31 22.92
C ALA A 411 -8.58 17.13 21.92
N SER A 412 -8.55 16.00 21.23
CA SER A 412 -7.55 15.69 20.22
C SER A 412 -8.25 15.17 18.98
N TRP A 413 -7.56 15.26 17.85
CA TRP A 413 -8.06 14.75 16.57
C TRP A 413 -6.86 14.46 15.69
N TYR A 414 -7.11 14.02 14.46
CA TYR A 414 -6.05 13.54 13.58
C TYR A 414 -6.17 14.23 12.24
N SER A 415 -5.05 14.74 11.74
CA SER A 415 -5.07 15.59 10.57
C SER A 415 -3.95 15.25 9.61
N ILE A 416 -4.25 15.41 8.33
CA ILE A 416 -3.23 15.49 7.29
C ILE A 416 -2.83 16.95 7.16
N HIS A 417 -1.61 17.27 7.58
CA HIS A 417 -1.05 18.60 7.41
C HIS A 417 -0.43 18.70 6.02
N VAL A 418 -0.92 19.60 5.18
CA VAL A 418 -0.29 19.89 3.90
C VAL A 418 0.60 21.11 4.10
N ASN A 419 1.91 20.90 4.12
CA ASN A 419 2.89 21.94 4.41
C ASN A 419 3.59 22.31 3.10
N ALA A 420 3.06 23.35 2.42
CA ALA A 420 3.61 23.71 1.12
C ALA A 420 5.08 24.11 1.23
N ASP A 421 5.45 24.80 2.31
CA ASP A 421 6.83 25.24 2.47
C ASP A 421 7.81 24.08 2.58
N GLU A 422 7.33 22.90 2.99
CA GLU A 422 8.17 21.73 3.18
C GLU A 422 8.01 20.70 2.08
N GLY A 423 7.16 20.95 1.09
CA GLY A 423 7.00 20.05 -0.02
C GLY A 423 6.41 18.71 0.33
N LYS A 424 5.57 18.65 1.36
CA LYS A 424 5.12 17.35 1.83
C LYS A 424 3.84 17.48 2.64
N ALA A 425 3.16 16.34 2.77
CA ALA A 425 2.03 16.19 3.67
C ALA A 425 2.47 15.36 4.87
N ASN A 426 1.96 15.70 6.05
CA ASN A 426 2.22 14.94 7.26
C ASN A 426 0.92 14.32 7.76
N PHE A 427 1.03 13.19 8.46
CA PHE A 427 -0.04 12.72 9.33
C PHE A 427 0.35 13.06 10.76
N GLU A 428 -0.57 13.72 11.48
CA GLU A 428 -0.26 14.19 12.82
C GLU A 428 -1.48 14.06 13.72
N LYS A 429 -1.20 13.94 15.01
CA LYS A 429 -2.20 14.16 16.06
C LYS A 429 -2.23 15.65 16.39
N ASP A 430 -3.43 16.22 16.40
CA ASP A 430 -3.65 17.62 16.71
C ASP A 430 -4.37 17.77 18.03
N GLY A 431 -4.34 18.98 18.59
CA GLY A 431 -5.01 19.25 19.84
C GLY A 431 -4.18 18.88 21.04
N ASP A 432 -4.80 18.32 22.08
CA ASP A 432 -4.04 17.85 23.22
C ASP A 432 -3.09 16.74 22.81
N ASP A 433 -1.87 16.77 23.38
CA ASP A 433 -0.84 15.77 23.09
C ASP A 433 -0.50 15.73 21.60
N ALA A 434 -0.60 16.88 20.92
CA ALA A 434 -0.29 16.93 19.51
C ALA A 434 1.10 16.37 19.25
N LYS A 435 1.27 15.71 18.10
CA LYS A 435 2.58 15.19 17.76
C LYS A 435 2.62 14.81 16.29
N TYR A 436 3.76 15.06 15.66
CA TYR A 436 4.03 14.62 14.30
C TYR A 436 4.24 13.11 14.28
N LEU A 437 3.71 12.46 13.23
CA LEU A 437 3.81 11.00 13.14
C LEU A 437 4.62 10.54 11.93
N PHE A 438 4.25 10.92 10.71
CA PHE A 438 5.06 10.59 9.54
C PHE A 438 4.62 11.46 8.38
N ASP A 439 5.31 11.35 7.24
CA ASP A 439 5.13 12.32 6.17
C ASP A 439 5.17 11.67 4.79
N ASN A 440 4.94 12.50 3.77
CA ASN A 440 4.66 12.02 2.42
C ASN A 440 4.98 13.17 1.46
N LYS A 441 6.20 13.17 0.94
CA LYS A 441 6.63 14.20 0.00
CA LYS A 441 6.63 14.20 0.00
C LYS A 441 5.83 14.11 -1.29
N PHE A 442 5.49 15.27 -1.85
CA PHE A 442 4.81 15.30 -3.15
C PHE A 442 5.01 16.66 -3.79
N ASN A 443 4.77 16.71 -5.11
CA ASN A 443 5.00 17.92 -5.87
C ASN A 443 3.97 18.99 -5.52
N ILE A 444 4.44 20.13 -5.02
CA ILE A 444 3.60 21.25 -4.62
C ILE A 444 3.12 21.96 -5.88
N PRO A 445 1.84 22.33 -5.97
CA PRO A 445 1.36 23.01 -7.19
C PRO A 445 1.90 24.43 -7.27
N ALA A 446 2.41 24.78 -8.45
CA ALA A 446 2.91 26.13 -8.66
C ALA A 446 1.79 27.16 -8.53
N ASP A 447 0.56 26.81 -8.90
CA ASP A 447 -0.55 27.74 -8.85
C ASP A 447 -1.30 27.71 -7.52
N ASN A 448 -0.77 26.99 -6.54
CA ASN A 448 -1.28 26.98 -5.16
C ASN A 448 -2.69 26.41 -5.07
N GLU A 449 -3.12 25.61 -6.04
CA GLU A 449 -4.44 24.99 -6.03
C GLU A 449 -4.32 23.51 -5.71
N TYR A 450 -5.07 23.06 -4.72
CA TYR A 450 -5.03 21.68 -4.23
C TYR A 450 -6.40 21.06 -4.44
N ARG A 451 -6.50 20.13 -5.39
CA ARG A 451 -7.73 19.41 -5.69
C ARG A 451 -7.68 18.09 -4.92
N VAL A 452 -8.48 17.99 -3.86
CA VAL A 452 -8.34 16.93 -2.87
C VAL A 452 -9.50 15.95 -3.00
N THR A 453 -9.18 14.65 -2.96
CA THR A 453 -10.18 13.60 -2.85
C THR A 453 -9.74 12.61 -1.78
N ILE A 454 -10.66 12.22 -0.92
CA ILE A 454 -10.39 11.25 0.14
C ILE A 454 -11.43 10.15 0.05
N TYR A 455 -10.97 8.91 -0.04
CA TYR A 455 -11.83 7.73 -0.08
C TYR A 455 -11.63 6.94 1.21
N SER A 456 -12.74 6.65 1.89
CA SER A 456 -12.69 6.00 3.19
C SER A 456 -13.57 4.75 3.22
N ASP A 457 -13.18 3.83 4.10
CA ASP A 457 -13.90 2.58 4.34
C ASP A 457 -13.71 2.30 5.82
N GLN A 458 -14.68 2.72 6.65
CA GLN A 458 -14.51 2.70 8.10
C GLN A 458 -13.19 3.39 8.45
N SER A 459 -12.26 2.68 9.06
CA SER A 459 -11.04 3.28 9.60
C SER A 459 -9.89 3.39 8.61
N VAL A 460 -10.08 3.03 7.34
CA VAL A 460 -9.04 3.08 6.33
C VAL A 460 -9.40 4.14 5.31
N CYS A 461 -8.46 5.01 4.99
CA CYS A 461 -8.71 6.02 3.96
C CYS A 461 -7.44 6.32 3.18
N VAL A 462 -7.61 6.79 1.95
CA VAL A 462 -6.52 7.29 1.14
C VAL A 462 -6.85 8.70 0.67
N THR A 463 -5.89 9.61 0.83
CA THR A 463 -6.02 10.99 0.42
C THR A 463 -5.21 11.23 -0.85
N TYR A 464 -5.86 11.79 -1.87
CA TYR A 464 -5.23 12.07 -3.15
C TYR A 464 -5.31 13.57 -3.45
N ILE A 465 -4.20 14.14 -3.94
CA ILE A 465 -4.17 15.55 -4.32
C ILE A 465 -3.47 15.70 -5.66
N ASN A 466 -4.17 16.29 -6.63
CA ASN A 466 -3.59 16.74 -7.89
C ASN A 466 -2.90 15.63 -8.67
N ASP A 467 -3.29 14.37 -8.49
CA ASP A 467 -2.62 13.25 -9.14
C ASP A 467 -1.13 13.20 -8.76
N GLN A 468 -0.79 13.79 -7.62
CA GLN A 468 0.58 13.83 -7.13
C GLN A 468 0.69 13.14 -5.77
N LEU A 469 -0.08 13.57 -4.78
CA LEU A 469 -0.05 12.92 -3.47
C LEU A 469 -0.98 11.71 -3.46
N SER A 470 -0.49 10.61 -2.89
CA SER A 470 -1.31 9.46 -2.52
C SER A 470 -0.90 9.06 -1.10
N PHE A 471 -1.81 9.21 -0.14
CA PHE A 471 -1.48 9.13 1.29
C PHE A 471 -2.50 8.23 2.00
N THR A 472 -2.13 6.98 2.24
CA THR A 472 -2.96 6.07 3.00
C THR A 472 -2.82 6.34 4.50
N ASN A 473 -3.94 6.23 5.23
CA ASN A 473 -3.89 6.39 6.66
C ASN A 473 -4.91 5.48 7.34
N ARG A 474 -4.55 5.03 8.54
CA ARG A 474 -5.47 4.39 9.47
C ARG A 474 -6.02 5.47 10.40
N ILE A 475 -7.33 5.71 10.33
CA ILE A 475 -7.96 6.70 11.19
C ILE A 475 -9.19 6.05 11.83
N TYR A 476 -9.00 5.33 12.93
CA TYR A 476 -10.12 4.74 13.64
C TYR A 476 -11.11 5.83 14.02
N GLN A 477 -12.38 5.56 13.77
CA GLN A 477 -13.50 6.42 14.17
C GLN A 477 -13.62 7.69 13.32
N MET A 478 -12.96 7.76 12.17
CA MET A 478 -13.30 8.83 11.24
C MET A 478 -14.75 8.69 10.79
N GLN A 479 -15.26 7.46 10.72
CA GLN A 479 -16.64 7.24 10.33
C GLN A 479 -17.60 7.74 11.41
N LYS A 480 -18.73 8.27 10.99
CA LYS A 480 -19.78 8.73 11.89
C LYS A 480 -19.28 9.84 12.82
N ASN A 481 -18.29 10.61 12.38
CA ASN A 481 -17.82 11.75 13.16
C ASN A 481 -17.59 12.93 12.24
N PRO A 482 -17.63 14.15 12.79
CA PRO A 482 -17.37 15.33 11.96
C PRO A 482 -15.94 15.32 11.43
N TRP A 483 -15.74 16.08 10.36
CA TRP A 483 -14.43 16.33 9.79
C TRP A 483 -14.28 17.84 9.62
N SER A 484 -13.07 18.28 9.34
CA SER A 484 -12.78 19.70 9.46
C SER A 484 -11.61 20.08 8.57
N LEU A 485 -11.58 21.35 8.19
CA LEU A 485 -10.46 21.95 7.48
C LEU A 485 -9.94 23.11 8.33
N CYS A 486 -8.63 23.33 8.30
CA CYS A 486 -8.04 24.37 9.11
C CYS A 486 -6.83 24.95 8.40
N CYS A 487 -6.43 26.14 8.84
CA CYS A 487 -5.23 26.80 8.34
C CYS A 487 -4.25 26.96 9.49
N TYR A 488 -3.04 26.40 9.32
CA TYR A 488 -1.99 26.55 10.31
C TYR A 488 -1.09 27.76 10.03
N LYS A 489 -0.87 28.08 8.76
CA LYS A 489 0.08 29.11 8.36
C LYS A 489 -0.39 29.73 7.05
N GLY A 490 -0.45 31.04 7.00
CA GLY A 490 -0.87 31.74 5.80
C GLY A 490 -2.38 31.93 5.75
N GLU A 491 -2.97 31.61 4.59
CA GLU A 491 -4.40 31.78 4.40
C GLU A 491 -4.85 30.87 3.26
N ILE A 492 -6.05 30.30 3.39
CA ILE A 492 -6.57 29.39 2.38
C ILE A 492 -8.02 29.75 2.06
N THR A 493 -8.43 29.41 0.84
CA THR A 493 -9.83 29.46 0.45
C THR A 493 -10.27 28.07 0.05
N VAL A 494 -11.32 27.58 0.71
CA VAL A 494 -11.89 26.25 0.46
C VAL A 494 -13.13 26.43 -0.41
N SER A 495 -13.25 25.59 -1.44
CA SER A 495 -14.38 25.66 -2.36
C SER A 495 -14.82 24.25 -2.72
N ASP A 496 -16.07 24.16 -3.20
CA ASP A 496 -16.55 22.96 -3.89
C ASP A 496 -16.50 21.72 -3.00
N VAL A 497 -16.98 21.88 -1.77
CA VAL A 497 -16.96 20.79 -0.79
C VAL A 497 -18.10 19.83 -1.09
N GLN A 498 -17.78 18.56 -1.31
CA GLN A 498 -18.76 17.52 -1.56
C GLN A 498 -18.46 16.29 -0.73
N VAL A 499 -19.52 15.58 -0.35
CA VAL A 499 -19.39 14.28 0.32
C VAL A 499 -20.42 13.34 -0.29
N SER A 500 -19.97 12.16 -0.73
CA SER A 500 -20.86 11.10 -1.17
C SER A 500 -20.48 9.82 -0.42
N THR A 501 -21.49 8.96 -0.23
CA THR A 501 -21.35 7.80 0.63
C THR A 501 -21.75 6.54 -0.12
N TYR A 502 -21.38 5.40 0.46
CA TYR A 502 -21.63 4.10 -0.17
C TYR A 502 -23.07 3.67 0.05
N HIS A 503 -23.57 3.78 1.28
CA HIS A 503 -24.91 3.32 1.59
C HIS A 503 -25.94 4.38 1.21
N HIS A 504 -27.10 3.90 0.76
CA HIS A 504 -28.19 4.76 0.30
C HIS A 504 -29.30 4.78 1.35
N HIS A 505 -29.73 5.98 1.73
CA HIS A 505 -30.88 6.16 2.60
C HIS A 505 -31.93 7.00 1.87
N HIS A 506 -33.17 6.91 2.34
CA HIS A 506 -34.28 7.57 1.66
C HIS A 506 -34.71 8.84 2.39
#